data_5FQP
#
_entry.id   5FQP
#
_cell.length_a   58.149
_cell.length_b   58.149
_cell.length_c   275.733
_cell.angle_alpha   90.00
_cell.angle_beta   90.00
_cell.angle_gamma   120.00
#
_symmetry.space_group_name_H-M   'P 65 2 2'
#
loop_
_entity.id
_entity.type
_entity.pdbx_description
1 polymer 'ESTROGEN RECEPTOR ALPHA'
2 non-polymer '(E)-3-[4-[(1R,3R)-6-hydroxy-2-isobutyl-3-methyl-3,4-dihydro-1H-isoquinolin-1-yl]phenyl]prop-2-enoic acid'
3 water water
#
_entity_poly.entity_id   1
_entity_poly.type   'polypeptide(L)'
_entity_poly.pdbx_seq_one_letter_code
;ALSLTADQMVSALLDAEPPILYSEYDPTRPFSEASMMGLLTNLADRELVHMINWAKRVPGFVDLTLHDQVHLLESAWLEI
LMIGLVWRSMEHPGKLLFAPNLLLDRNQGKSVEGMVEIFDMLLATSSRFRMMNLQGEEFVCLKSIILLNSGVYTFLSSTL
KSLEEKDHIHRVLDKITDTLIHLMAKAGLTLQQQHQRLAQLLLILSHIRHMSNKGMEHLYSMKCKNVVPSYDLLLEMLDA
HRLHAPTS
;
_entity_poly.pdbx_strand_id   A
#
loop_
_chem_comp.id
_chem_comp.type
_chem_comp.name
_chem_comp.formula
GQD non-polymer '(E)-3-[4-[(1R,3R)-6-hydroxy-2-isobutyl-3-methyl-3,4-dihydro-1H-isoquinolin-1-yl]phenyl]prop-2-enoic acid' 'C23 H27 N O3'
#
# COMPACT_ATOMS: atom_id res chain seq x y z
N ALA A 1 -18.77 -8.97 5.85
CA ALA A 1 -17.30 -8.90 6.11
C ALA A 1 -16.91 -9.47 7.47
N LEU A 2 -17.69 -9.15 8.51
CA LEU A 2 -17.43 -9.66 9.85
C LEU A 2 -17.89 -11.11 10.02
N SER A 3 -18.66 -11.63 9.07
CA SER A 3 -19.08 -13.03 9.09
C SER A 3 -18.13 -13.95 8.32
N LEU A 4 -17.15 -13.36 7.62
CA LEU A 4 -16.17 -14.13 6.85
C LEU A 4 -15.28 -14.99 7.73
N THR A 5 -14.98 -16.21 7.25
CA THR A 5 -13.96 -17.04 7.88
C THR A 5 -12.59 -16.53 7.44
N ALA A 6 -11.54 -16.97 8.13
CA ALA A 6 -10.17 -16.60 7.77
C ALA A 6 -9.87 -16.99 6.32
N ASP A 7 -10.22 -18.22 5.94
CA ASP A 7 -10.02 -18.69 4.56
C ASP A 7 -10.76 -17.83 3.54
N GLN A 8 -11.98 -17.45 3.87
CA GLN A 8 -12.78 -16.57 3.01
C GLN A 8 -12.18 -15.16 2.92
N MET A 9 -11.62 -14.66 4.03
CA MET A 9 -10.95 -13.35 4.00
C MET A 9 -9.76 -13.41 3.05
N VAL A 10 -8.93 -14.43 3.20
CA VAL A 10 -7.76 -14.61 2.33
C VAL A 10 -8.15 -14.65 0.86
N SER A 11 -9.16 -15.46 0.53
CA SER A 11 -9.62 -15.58 -0.86
C SER A 11 -10.13 -14.26 -1.43
N ALA A 12 -10.89 -13.53 -0.63
CA ALA A 12 -11.39 -12.22 -1.05
C ALA A 12 -10.23 -11.28 -1.39
N LEU A 13 -9.23 -11.22 -0.50
CA LEU A 13 -8.09 -10.32 -0.68
C LEU A 13 -7.23 -10.72 -1.89
N LEU A 14 -6.96 -12.02 -2.03
CA LEU A 14 -6.20 -12.50 -3.18
C LEU A 14 -6.93 -12.19 -4.49
N ASP A 15 -8.25 -12.40 -4.49
CA ASP A 15 -9.08 -12.09 -5.66
C ASP A 15 -9.09 -10.60 -5.99
N ALA A 16 -8.96 -9.76 -4.97
CA ALA A 16 -9.05 -8.31 -5.14
C ALA A 16 -7.76 -7.70 -5.71
N GLU A 17 -6.69 -8.49 -5.78
CA GLU A 17 -5.36 -7.96 -6.12
C GLU A 17 -5.35 -7.22 -7.45
N PRO A 18 -4.77 -6.00 -7.46
CA PRO A 18 -4.65 -5.25 -8.70
C PRO A 18 -3.56 -5.83 -9.58
N PRO A 19 -3.55 -5.47 -10.87
CA PRO A 19 -2.52 -5.96 -11.77
C PRO A 19 -1.20 -5.23 -11.60
N ILE A 20 -0.13 -5.87 -12.05
CA ILE A 20 1.17 -5.23 -12.13
C ILE A 20 1.22 -4.43 -13.44
N LEU A 21 1.40 -3.11 -13.34
CA LEU A 21 1.40 -2.25 -14.54
C LEU A 21 2.80 -2.05 -15.12
N TYR A 22 2.84 -1.65 -16.39
CA TYR A 22 4.09 -1.35 -17.08
C TYR A 22 4.33 0.16 -17.14
N SER A 23 5.60 0.54 -17.21
CA SER A 23 5.96 1.92 -17.44
C SER A 23 5.65 2.30 -18.88
N GLU A 24 5.24 3.54 -19.09
CA GLU A 24 4.97 4.06 -20.43
C GLU A 24 6.18 4.85 -20.89
N TYR A 25 7.06 4.18 -21.60
CA TYR A 25 8.16 4.82 -22.30
C TYR A 25 8.47 3.97 -23.52
N ASP A 26 9.02 4.63 -24.54
CA ASP A 26 9.34 3.95 -25.78
C ASP A 26 10.63 3.14 -25.56
N PRO A 27 10.53 1.79 -25.55
CA PRO A 27 11.70 0.97 -25.29
C PRO A 27 12.73 0.97 -26.42
N THR A 28 12.33 1.47 -27.59
CA THR A 28 13.25 1.63 -28.71
C THR A 28 14.02 2.95 -28.63
N ARG A 29 13.60 3.85 -27.75
CA ARG A 29 14.21 5.18 -27.64
C ARG A 29 15.28 5.19 -26.54
N PRO A 30 16.19 6.19 -26.56
CA PRO A 30 17.22 6.26 -25.52
C PRO A 30 16.64 6.50 -24.13
N PHE A 31 17.24 5.89 -23.11
CA PHE A 31 16.77 6.05 -21.72
C PHE A 31 17.20 7.40 -21.14
N SER A 32 18.35 7.89 -21.58
CA SER A 32 18.92 9.17 -21.12
C SER A 32 17.91 10.32 -21.11
N GLU A 33 17.00 10.32 -22.09
CA GLU A 33 16.10 11.44 -22.34
C GLU A 33 14.89 11.48 -21.39
N ALA A 34 14.15 10.37 -21.31
CA ALA A 34 12.96 10.30 -20.46
C ALA A 34 13.24 10.74 -19.02
N SER A 35 12.23 11.32 -18.38
CA SER A 35 12.33 11.87 -17.04
C SER A 35 11.96 10.80 -16.03
N MET A 36 12.86 10.47 -15.11
N MET A 36 12.88 10.49 -15.11
CA MET A 36 12.58 9.45 -14.10
CA MET A 36 12.65 9.50 -14.07
C MET A 36 11.35 9.81 -13.27
C MET A 36 11.39 9.82 -13.26
N MET A 37 11.29 11.06 -12.79
CA MET A 37 10.12 11.52 -12.02
C MET A 37 8.84 11.49 -12.87
N GLY A 38 8.98 11.82 -14.15
CA GLY A 38 7.86 11.74 -15.08
C GLY A 38 7.35 10.31 -15.21
N LEU A 39 8.27 9.38 -15.40
CA LEU A 39 7.91 7.97 -15.51
C LEU A 39 7.25 7.49 -14.22
N LEU A 40 7.84 7.86 -13.08
CA LEU A 40 7.32 7.40 -11.79
C LEU A 40 5.96 8.01 -11.48
N THR A 41 5.76 9.27 -11.84
CA THR A 41 4.48 9.96 -11.64
C THR A 41 3.38 9.34 -12.50
N ASN A 42 3.69 9.07 -13.76
CA ASN A 42 2.71 8.47 -14.68
C ASN A 42 2.28 7.07 -14.20
N LEU A 43 3.25 6.30 -13.74
CA LEU A 43 2.99 4.97 -13.18
C LEU A 43 2.07 5.07 -11.96
N ALA A 44 2.44 5.94 -11.02
CA ALA A 44 1.62 6.17 -9.82
C ALA A 44 0.20 6.62 -10.16
N ASP A 45 0.05 7.48 -11.17
CA ASP A 45 -1.27 7.95 -11.64
C ASP A 45 -2.16 6.76 -12.02
N ARG A 46 -1.62 5.88 -12.86
CA ARG A 46 -2.38 4.71 -13.33
C ARG A 46 -2.62 3.67 -12.23
N GLU A 47 -1.64 3.48 -11.35
CA GLU A 47 -1.79 2.55 -10.22
C GLU A 47 -2.91 2.98 -9.25
N LEU A 48 -3.08 4.29 -9.09
CA LEU A 48 -4.08 4.82 -8.18
C LEU A 48 -5.49 4.46 -8.62
N VAL A 49 -5.73 4.46 -9.93
CA VAL A 49 -7.05 4.10 -10.44
C VAL A 49 -7.38 2.65 -10.07
N HIS A 50 -6.43 1.75 -10.28
CA HIS A 50 -6.60 0.36 -9.88
C HIS A 50 -6.70 0.18 -8.37
N MET A 51 -6.01 1.05 -7.62
CA MET A 51 -6.07 1.02 -6.17
C MET A 51 -7.48 1.32 -5.67
N ILE A 52 -8.16 2.28 -6.32
CA ILE A 52 -9.56 2.59 -5.99
C ILE A 52 -10.43 1.34 -6.13
N ASN A 53 -10.31 0.64 -7.25
CA ASN A 53 -11.09 -0.58 -7.48
C ASN A 53 -10.76 -1.69 -6.48
N TRP A 54 -9.48 -1.84 -6.15
CA TRP A 54 -9.02 -2.79 -5.15
C TRP A 54 -9.66 -2.49 -3.79
N ALA A 55 -9.59 -1.21 -3.40
CA ALA A 55 -10.11 -0.75 -2.11
C ALA A 55 -11.57 -1.13 -1.92
N LYS A 56 -12.38 -0.90 -2.95
CA LYS A 56 -13.82 -1.23 -2.92
C LYS A 56 -14.07 -2.73 -2.73
N ARG A 57 -13.06 -3.56 -3.00
CA ARG A 57 -13.17 -5.01 -2.87
C ARG A 57 -12.58 -5.58 -1.57
N VAL A 58 -11.98 -4.73 -0.74
CA VAL A 58 -11.51 -5.15 0.57
C VAL A 58 -12.73 -5.27 1.46
N PRO A 59 -13.00 -6.47 2.03
CA PRO A 59 -14.17 -6.64 2.90
C PRO A 59 -14.31 -5.56 3.96
N GLY A 60 -15.51 -5.01 4.07
CA GLY A 60 -15.81 -3.97 5.04
C GLY A 60 -15.64 -2.54 4.54
N PHE A 61 -14.82 -2.34 3.51
CA PHE A 61 -14.49 -0.98 3.06
C PHE A 61 -15.72 -0.23 2.50
N VAL A 62 -16.50 -0.88 1.64
CA VAL A 62 -17.72 -0.22 1.10
C VAL A 62 -18.86 -0.10 2.11
N ASP A 63 -18.70 -0.70 3.28
CA ASP A 63 -19.67 -0.50 4.37
C ASP A 63 -19.56 0.89 4.95
N LEU A 64 -18.41 1.53 4.77
CA LEU A 64 -18.16 2.85 5.33
C LEU A 64 -18.82 3.94 4.49
N THR A 65 -18.92 5.14 5.05
CA THR A 65 -19.39 6.30 4.30
C THR A 65 -18.40 6.66 3.19
N LEU A 66 -18.90 7.30 2.15
CA LEU A 66 -18.03 7.79 1.06
C LEU A 66 -16.94 8.72 1.61
N HIS A 67 -17.32 9.67 2.46
CA HIS A 67 -16.38 10.60 3.08
C HIS A 67 -15.25 9.85 3.79
N ASP A 68 -15.59 8.82 4.57
CA ASP A 68 -14.60 8.06 5.31
C ASP A 68 -13.74 7.21 4.39
N GLN A 69 -14.34 6.65 3.32
CA GLN A 69 -13.56 5.94 2.31
C GLN A 69 -12.49 6.85 1.71
N VAL A 70 -12.88 8.08 1.36
CA VAL A 70 -11.97 9.06 0.78
C VAL A 70 -10.85 9.41 1.79
N HIS A 71 -11.24 9.63 3.04
CA HIS A 71 -10.26 9.95 4.08
C HIS A 71 -9.21 8.85 4.25
N LEU A 72 -9.67 7.61 4.27
CA LEU A 72 -8.77 6.49 4.42
C LEU A 72 -7.81 6.36 3.24
N LEU A 73 -8.32 6.53 2.02
CA LEU A 73 -7.46 6.45 0.84
C LEU A 73 -6.51 7.63 0.76
N GLU A 74 -7.00 8.83 1.10
CA GLU A 74 -6.14 10.01 1.17
C GLU A 74 -4.94 9.79 2.10
N SER A 75 -5.19 9.15 3.23
CA SER A 75 -4.11 8.89 4.19
C SER A 75 -3.17 7.79 3.74
N ALA A 76 -3.69 6.79 3.04
CA ALA A 76 -2.95 5.53 2.82
C ALA A 76 -2.34 5.31 1.43
N TRP A 77 -2.73 6.11 0.44
CA TRP A 77 -2.44 5.74 -0.96
C TRP A 77 -0.94 5.56 -1.23
N LEU A 78 -0.10 6.41 -0.66
CA LEU A 78 1.34 6.32 -0.94
C LEU A 78 1.98 5.14 -0.21
N GLU A 79 1.53 4.87 1.02
CA GLU A 79 1.93 3.66 1.73
C GLU A 79 1.60 2.40 0.93
N ILE A 80 0.42 2.41 0.30
CA ILE A 80 -0.06 1.27 -0.46
C ILE A 80 0.78 1.09 -1.72
N LEU A 81 1.12 2.19 -2.41
CA LEU A 81 2.04 2.11 -3.55
C LEU A 81 3.39 1.56 -3.13
N MET A 82 3.87 2.01 -1.98
CA MET A 82 5.20 1.63 -1.49
C MET A 82 5.29 0.18 -1.05
N ILE A 83 4.30 -0.30 -0.29
CA ILE A 83 4.32 -1.72 0.08
C ILE A 83 4.19 -2.61 -1.18
N GLY A 84 3.42 -2.16 -2.17
CA GLY A 84 3.32 -2.88 -3.44
C GLY A 84 4.67 -2.97 -4.15
N LEU A 85 5.37 -1.84 -4.19
CA LEU A 85 6.69 -1.76 -4.80
C LEU A 85 7.69 -2.65 -4.10
N VAL A 86 7.68 -2.63 -2.77
CA VAL A 86 8.61 -3.43 -1.99
C VAL A 86 8.34 -4.93 -2.18
N TRP A 87 7.07 -5.32 -2.21
CA TRP A 87 6.68 -6.69 -2.49
C TRP A 87 7.19 -7.16 -3.87
N ARG A 88 6.89 -6.39 -4.91
CA ARG A 88 7.35 -6.69 -6.29
C ARG A 88 8.87 -6.83 -6.39
N SER A 89 9.59 -6.09 -5.54
CA SER A 89 11.05 -6.02 -5.58
C SER A 89 11.76 -7.08 -4.72
N MET A 90 11.00 -7.84 -3.95
CA MET A 90 11.55 -8.73 -2.91
C MET A 90 12.60 -9.71 -3.45
N GLU A 91 12.37 -10.25 -4.65
CA GLU A 91 13.28 -11.24 -5.23
C GLU A 91 14.26 -10.63 -6.23
N HIS A 92 14.53 -9.33 -6.08
CA HIS A 92 15.48 -8.60 -6.90
C HIS A 92 16.41 -7.76 -6.02
N PRO A 93 17.35 -8.41 -5.31
CA PRO A 93 18.23 -7.70 -4.39
C PRO A 93 18.92 -6.49 -5.04
N GLY A 94 18.92 -5.37 -4.34
CA GLY A 94 19.56 -4.14 -4.81
C GLY A 94 18.79 -3.35 -5.87
N LYS A 95 17.59 -3.81 -6.22
CA LYS A 95 16.81 -3.15 -7.26
C LYS A 95 15.37 -2.95 -6.83
N LEU A 96 14.74 -1.92 -7.41
CA LEU A 96 13.32 -1.66 -7.21
C LEU A 96 12.59 -1.95 -8.51
N LEU A 97 11.65 -2.89 -8.48
CA LEU A 97 10.87 -3.28 -9.65
C LEU A 97 9.63 -2.41 -9.69
N PHE A 98 9.79 -1.20 -10.21
CA PHE A 98 8.66 -0.29 -10.38
C PHE A 98 7.64 -0.91 -11.32
N ALA A 99 8.16 -1.52 -12.39
CA ALA A 99 7.36 -2.26 -13.35
C ALA A 99 8.28 -3.32 -13.96
N PRO A 100 7.71 -4.34 -14.63
CA PRO A 100 8.58 -5.35 -15.23
C PRO A 100 9.59 -4.78 -16.24
N ASN A 101 9.23 -3.64 -16.86
CA ASN A 101 10.13 -2.94 -17.80
C ASN A 101 10.83 -1.73 -17.17
N LEU A 102 10.83 -1.67 -15.84
CA LEU A 102 11.46 -0.53 -15.16
C LEU A 102 12.03 -0.99 -13.82
N LEU A 103 13.21 -1.61 -13.90
CA LEU A 103 13.90 -2.16 -12.76
C LEU A 103 15.10 -1.27 -12.47
N LEU A 104 15.03 -0.51 -11.38
CA LEU A 104 16.01 0.56 -11.10
C LEU A 104 16.84 0.27 -9.84
N ASP A 105 18.12 0.65 -9.89
CA ASP A 105 19.00 0.56 -8.70
C ASP A 105 19.16 1.91 -8.02
N ARG A 106 19.84 1.94 -6.88
CA ARG A 106 19.96 3.16 -6.10
C ARG A 106 20.65 4.29 -6.88
N ASN A 107 21.62 3.92 -7.72
CA ASN A 107 22.35 4.90 -8.53
C ASN A 107 21.44 5.67 -9.48
N GLN A 108 20.46 4.98 -10.05
CA GLN A 108 19.49 5.60 -10.95
C GLN A 108 18.58 6.60 -10.20
N GLY A 109 18.37 6.37 -8.91
CA GLY A 109 17.63 7.31 -8.08
C GLY A 109 18.33 8.65 -7.86
N LYS A 110 19.66 8.65 -7.98
CA LYS A 110 20.45 9.88 -7.79
C LYS A 110 20.18 11.01 -8.78
N SER A 111 19.53 10.70 -9.90
CA SER A 111 19.21 11.72 -10.90
C SER A 111 18.25 12.80 -10.39
N VAL A 112 17.49 12.48 -9.34
CA VAL A 112 16.57 13.44 -8.72
C VAL A 112 17.00 13.71 -7.27
N GLU A 113 17.16 14.99 -6.93
CA GLU A 113 17.57 15.39 -5.59
C GLU A 113 16.57 14.91 -4.55
N GLY A 114 17.06 14.17 -3.54
CA GLY A 114 16.22 13.62 -2.48
C GLY A 114 15.68 12.21 -2.72
N MET A 115 15.86 11.69 -3.92
CA MET A 115 15.26 10.40 -4.28
C MET A 115 16.10 9.21 -3.83
N VAL A 116 17.42 9.34 -3.80
CA VAL A 116 18.26 8.20 -3.40
C VAL A 116 17.97 7.78 -1.94
N GLU A 117 17.68 8.75 -1.08
CA GLU A 117 17.34 8.48 0.32
C GLU A 117 16.06 7.63 0.40
N ILE A 118 15.08 7.99 -0.41
CA ILE A 118 13.82 7.24 -0.48
C ILE A 118 14.06 5.84 -1.09
N PHE A 119 14.80 5.77 -2.18
CA PHE A 119 15.19 4.48 -2.79
C PHE A 119 15.86 3.57 -1.73
N ASP A 120 16.78 4.13 -0.96
CA ASP A 120 17.48 3.34 0.05
C ASP A 120 16.55 2.75 1.13
N MET A 121 15.57 3.53 1.57
CA MET A 121 14.64 3.05 2.59
C MET A 121 13.77 1.93 2.04
N LEU A 122 13.33 2.09 0.80
CA LEU A 122 12.51 1.07 0.12
C LEU A 122 13.30 -0.23 -0.10
N LEU A 123 14.55 -0.11 -0.52
CA LEU A 123 15.44 -1.27 -0.70
C LEU A 123 15.67 -2.02 0.61
N ALA A 124 15.88 -1.27 1.70
CA ALA A 124 16.00 -1.87 3.04
C ALA A 124 14.72 -2.61 3.48
N THR A 125 13.56 -2.09 3.10
CA THR A 125 12.31 -2.77 3.43
C THR A 125 12.17 -4.08 2.65
N SER A 126 12.56 -4.05 1.38
CA SER A 126 12.55 -5.25 0.54
C SER A 126 13.48 -6.30 1.13
N SER A 127 14.65 -5.87 1.57
CA SER A 127 15.62 -6.70 2.29
C SER A 127 14.99 -7.39 3.52
N ARG A 128 14.29 -6.61 4.33
CA ARG A 128 13.59 -7.11 5.51
C ARG A 128 12.52 -8.14 5.14
N PHE A 129 11.74 -7.86 4.10
CA PHE A 129 10.75 -8.83 3.58
C PHE A 129 11.42 -10.17 3.23
N ARG A 130 12.61 -10.09 2.61
CA ARG A 130 13.42 -11.29 2.31
C ARG A 130 13.88 -12.02 3.56
N MET A 131 14.40 -11.28 4.53
CA MET A 131 14.85 -11.86 5.80
C MET A 131 13.71 -12.61 6.52
N MET A 132 12.49 -12.09 6.40
CA MET A 132 11.33 -12.73 7.04
C MET A 132 10.64 -13.77 6.16
N ASN A 133 11.03 -13.84 4.89
CA ASN A 133 10.37 -14.72 3.93
C ASN A 133 8.86 -14.46 3.85
N LEU A 134 8.50 -13.19 3.67
CA LEU A 134 7.10 -12.78 3.58
C LEU A 134 6.34 -13.54 2.50
N GLN A 135 5.16 -14.05 2.85
CA GLN A 135 4.32 -14.79 1.93
C GLN A 135 3.24 -13.89 1.32
N GLY A 136 2.82 -14.25 0.10
CA GLY A 136 1.79 -13.52 -0.62
C GLY A 136 0.51 -13.30 0.17
N GLU A 137 0.10 -14.33 0.91
CA GLU A 137 -1.14 -14.25 1.71
C GLU A 137 -0.99 -13.26 2.87
N GLU A 138 0.22 -13.19 3.42
CA GLU A 138 0.53 -12.24 4.49
C GLU A 138 0.54 -10.82 3.93
N PHE A 139 1.17 -10.65 2.76
CA PHE A 139 1.27 -9.35 2.08
C PHE A 139 -0.10 -8.70 1.84
N VAL A 140 -1.05 -9.46 1.30
CA VAL A 140 -2.38 -8.90 1.03
C VAL A 140 -3.08 -8.49 2.32
N CYS A 141 -2.88 -9.25 3.40
CA CYS A 141 -3.41 -8.87 4.71
C CYS A 141 -2.81 -7.53 5.19
N LEU A 142 -1.50 -7.38 5.06
CA LEU A 142 -0.83 -6.14 5.49
C LEU A 142 -1.31 -4.92 4.72
N LYS A 143 -1.47 -5.10 3.41
CA LYS A 143 -1.90 -4.00 2.56
C LYS A 143 -3.31 -3.51 2.93
N SER A 144 -4.19 -4.45 3.26
CA SER A 144 -5.52 -4.11 3.73
C SER A 144 -5.51 -3.44 5.10
N ILE A 145 -4.61 -3.89 5.97
CA ILE A 145 -4.43 -3.25 7.28
C ILE A 145 -4.03 -1.77 7.10
N ILE A 146 -3.10 -1.50 6.18
CA ILE A 146 -2.68 -0.12 5.90
C ILE A 146 -3.89 0.73 5.50
N LEU A 147 -4.68 0.22 4.55
CA LEU A 147 -5.87 0.93 4.09
C LEU A 147 -6.81 1.32 5.24
N LEU A 148 -7.07 0.38 6.15
CA LEU A 148 -8.05 0.61 7.21
C LEU A 148 -7.47 1.39 8.40
N ASN A 149 -6.17 1.24 8.66
CA ASN A 149 -5.56 1.81 9.87
C ASN A 149 -4.96 3.20 9.69
N SER A 150 -4.42 3.51 8.51
CA SER A 150 -3.61 4.71 8.41
C SER A 150 -4.36 6.00 8.73
N GLY A 151 -5.62 6.08 8.33
CA GLY A 151 -6.44 7.27 8.58
C GLY A 151 -7.44 7.19 9.73
N VAL A 152 -7.50 6.05 10.43
CA VAL A 152 -8.56 5.80 11.44
C VAL A 152 -8.42 6.65 12.71
N TYR A 153 -7.24 7.22 12.94
CA TYR A 153 -6.98 8.06 14.12
C TYR A 153 -7.12 9.56 13.83
N THR A 154 -7.38 9.91 12.57
CA THR A 154 -7.46 11.32 12.15
C THR A 154 -8.82 11.73 11.54
N PHE A 155 -9.89 11.02 11.90
CA PHE A 155 -11.22 11.42 11.45
C PHE A 155 -11.63 12.78 12.04
N LEU A 156 -11.16 13.08 13.25
CA LEU A 156 -11.45 14.35 13.92
C LEU A 156 -12.94 14.67 13.91
N SER A 157 -13.71 13.68 14.38
CA SER A 157 -15.15 13.75 14.42
C SER A 157 -15.63 12.67 15.37
N SER A 158 -16.60 13.05 16.20
CA SER A 158 -17.20 12.11 17.13
C SER A 158 -18.73 12.20 17.04
N THR A 159 -19.23 12.40 15.82
CA THR A 159 -20.65 12.20 15.55
C THR A 159 -20.97 10.73 15.84
N LEU A 160 -22.24 10.40 16.01
CA LEU A 160 -22.61 9.02 16.26
C LEU A 160 -22.14 8.13 15.11
N LYS A 161 -22.32 8.62 13.88
CA LYS A 161 -21.88 7.89 12.69
C LYS A 161 -20.38 7.60 12.73
N SER A 162 -19.58 8.59 13.10
CA SER A 162 -18.13 8.44 13.15
C SER A 162 -17.71 7.43 14.21
N LEU A 163 -18.40 7.43 15.36
CA LEU A 163 -18.12 6.45 16.41
C LEU A 163 -18.41 5.04 15.89
N GLU A 164 -19.50 4.91 15.14
CA GLU A 164 -19.88 3.64 14.55
C GLU A 164 -18.91 3.20 13.46
N GLU A 165 -18.45 4.15 12.66
CA GLU A 165 -17.47 3.87 11.61
C GLU A 165 -16.14 3.38 12.19
N LYS A 166 -15.64 4.08 13.20
CA LYS A 166 -14.39 3.67 13.83
C LYS A 166 -14.50 2.28 14.47
N ASP A 167 -15.64 2.00 15.08
CA ASP A 167 -15.87 0.69 15.69
C ASP A 167 -15.82 -0.42 14.64
N HIS A 168 -16.51 -0.20 13.52
CA HIS A 168 -16.53 -1.16 12.41
C HIS A 168 -15.13 -1.39 11.85
N ILE A 169 -14.38 -0.31 11.63
CA ILE A 169 -13.01 -0.42 11.11
C ILE A 169 -12.15 -1.31 12.01
N HIS A 170 -12.25 -1.08 13.32
CA HIS A 170 -11.45 -1.88 14.26
C HIS A 170 -11.90 -3.34 14.34
N ARG A 171 -13.20 -3.57 14.18
CA ARG A 171 -13.70 -4.95 14.05
C ARG A 171 -13.15 -5.65 12.81
N VAL A 172 -13.09 -4.95 11.68
CA VAL A 172 -12.54 -5.54 10.45
C VAL A 172 -11.04 -5.79 10.61
N LEU A 173 -10.32 -4.83 11.19
CA LEU A 173 -8.91 -5.02 11.50
C LEU A 173 -8.67 -6.25 12.40
N ASP A 174 -9.52 -6.46 13.39
CA ASP A 174 -9.44 -7.65 14.25
C ASP A 174 -9.61 -8.94 13.45
N LYS A 175 -10.50 -8.93 12.47
CA LYS A 175 -10.69 -10.07 11.59
C LYS A 175 -9.42 -10.35 10.78
N ILE A 176 -8.78 -9.30 10.28
CA ILE A 176 -7.54 -9.46 9.50
C ILE A 176 -6.42 -9.99 10.40
N THR A 177 -6.36 -9.53 11.65
CA THR A 177 -5.42 -10.09 12.63
C THR A 177 -5.63 -11.60 12.83
N ASP A 178 -6.90 -11.99 13.03
CA ASP A 178 -7.26 -13.42 13.16
C ASP A 178 -6.78 -14.22 11.95
N THR A 179 -6.94 -13.61 10.77
CA THR A 179 -6.58 -14.21 9.50
C THR A 179 -5.07 -14.42 9.38
N LEU A 180 -4.29 -13.41 9.77
CA LEU A 180 -2.84 -13.53 9.77
C LEU A 180 -2.39 -14.65 10.68
N ILE A 181 -2.93 -14.69 11.89
CA ILE A 181 -2.61 -15.74 12.84
C ILE A 181 -2.98 -17.13 12.27
N HIS A 182 -4.16 -17.22 11.66
CA HIS A 182 -4.60 -18.46 11.02
C HIS A 182 -3.63 -18.94 9.94
N LEU A 183 -3.15 -18.01 9.12
CA LEU A 183 -2.18 -18.32 8.07
C LEU A 183 -0.88 -18.84 8.65
N MET A 184 -0.44 -18.26 9.77
CA MET A 184 0.79 -18.66 10.43
C MET A 184 0.64 -20.02 11.11
N ALA A 185 -0.48 -20.25 11.78
CA ALA A 185 -0.79 -21.55 12.41
C ALA A 185 -0.82 -22.67 11.38
N LYS A 186 -1.39 -22.39 10.22
CA LYS A 186 -1.39 -23.32 9.09
C LYS A 186 0.01 -23.69 8.64
N ALA A 187 0.88 -22.69 8.57
CA ALA A 187 2.27 -22.87 8.15
C ALA A 187 3.10 -23.68 9.16
N GLY A 188 2.54 -23.97 10.33
CA GLY A 188 3.17 -24.85 11.30
C GLY A 188 3.89 -24.15 12.43
N LEU A 189 3.78 -22.83 12.49
CA LEU A 189 4.44 -22.06 13.53
C LEU A 189 3.82 -22.31 14.90
N THR A 190 4.66 -22.31 15.94
CA THR A 190 4.18 -22.44 17.33
C THR A 190 3.43 -21.17 17.73
N LEU A 191 2.70 -21.22 18.84
CA LEU A 191 1.97 -20.02 19.30
C LEU A 191 2.91 -18.85 19.60
N GLN A 192 4.07 -19.15 20.15
CA GLN A 192 5.08 -18.12 20.39
C GLN A 192 5.56 -17.50 19.08
N GLN A 193 5.87 -18.34 18.10
CA GLN A 193 6.32 -17.88 16.80
C GLN A 193 5.24 -17.06 16.10
N GLN A 194 3.99 -17.48 16.26
CA GLN A 194 2.86 -16.77 15.65
C GLN A 194 2.79 -15.32 16.11
N HIS A 195 2.77 -15.12 17.43
N HIS A 195 2.78 -15.11 17.43
CA HIS A 195 2.72 -13.78 18.00
CA HIS A 195 2.68 -13.75 17.96
C HIS A 195 3.93 -12.95 17.63
C HIS A 195 3.95 -12.92 17.72
N GLN A 196 5.11 -13.59 17.65
CA GLN A 196 6.36 -12.92 17.32
C GLN A 196 6.34 -12.42 15.88
N ARG A 197 5.88 -13.27 14.96
CA ARG A 197 5.83 -12.91 13.55
C ARG A 197 4.75 -11.86 13.27
N LEU A 198 3.61 -11.97 13.94
CA LEU A 198 2.57 -10.94 13.84
C LEU A 198 3.16 -9.57 14.18
N ALA A 199 3.87 -9.50 15.32
CA ALA A 199 4.49 -8.25 15.76
C ALA A 199 5.54 -7.74 14.77
N GLN A 200 6.39 -8.64 14.29
CA GLN A 200 7.42 -8.28 13.31
C GLN A 200 6.79 -7.65 12.08
N LEU A 201 5.70 -8.24 11.59
CA LEU A 201 5.03 -7.74 10.40
C LEU A 201 4.39 -6.38 10.64
N LEU A 202 3.71 -6.22 11.78
CA LEU A 202 3.03 -4.97 12.08
C LEU A 202 4.02 -3.83 12.33
N LEU A 203 5.18 -4.15 12.87
CA LEU A 203 6.19 -3.15 13.14
C LEU A 203 6.83 -2.57 11.87
N ILE A 204 6.87 -3.36 10.80
CA ILE A 204 7.33 -2.87 9.49
C ILE A 204 6.39 -1.79 8.95
N LEU A 205 5.10 -1.89 9.28
CA LEU A 205 4.13 -0.87 8.83
C LEU A 205 4.46 0.54 9.35
N SER A 206 5.08 0.63 10.53
CA SER A 206 5.56 1.92 11.04
C SER A 206 6.63 2.50 10.13
N HIS A 207 7.53 1.65 9.64
CA HIS A 207 8.55 2.11 8.71
C HIS A 207 7.94 2.52 7.36
N ILE A 208 6.92 1.79 6.92
CA ILE A 208 6.23 2.15 5.69
C ILE A 208 5.54 3.51 5.84
N ARG A 209 4.94 3.77 6.99
CA ARG A 209 4.38 5.11 7.26
C ARG A 209 5.45 6.19 7.14
N HIS A 210 6.61 5.94 7.74
CA HIS A 210 7.73 6.86 7.72
C HIS A 210 8.15 7.18 6.29
N MET A 211 8.29 6.14 5.48
CA MET A 211 8.67 6.32 4.08
C MET A 211 7.65 7.16 3.34
N SER A 212 6.37 6.90 3.58
CA SER A 212 5.30 7.66 2.93
C SER A 212 5.38 9.15 3.30
N ASN A 213 5.59 9.43 4.59
CA ASN A 213 5.78 10.82 5.02
C ASN A 213 6.95 11.52 4.36
N LYS A 214 8.09 10.86 4.30
CA LYS A 214 9.23 11.41 3.57
C LYS A 214 8.90 11.61 2.08
N GLY A 215 8.16 10.66 1.50
CA GLY A 215 7.70 10.80 0.12
C GLY A 215 6.75 11.97 -0.10
N MET A 216 5.75 12.12 0.77
CA MET A 216 4.79 13.21 0.62
C MET A 216 5.48 14.58 0.77
N GLU A 217 6.49 14.66 1.64
CA GLU A 217 7.31 15.88 1.76
C GLU A 217 7.94 16.25 0.42
N HIS A 218 8.47 15.24 -0.27
CA HIS A 218 9.08 15.43 -1.57
C HIS A 218 8.06 15.97 -2.57
N LEU A 219 6.90 15.30 -2.64
CA LEU A 219 5.84 15.69 -3.57
C LEU A 219 5.29 17.10 -3.30
N TYR A 220 5.06 17.43 -2.03
CA TYR A 220 4.54 18.76 -1.68
C TYR A 220 5.56 19.86 -1.98
N SER A 221 6.84 19.53 -1.86
CA SER A 221 7.90 20.49 -2.19
C SER A 221 7.93 20.83 -3.70
N MET A 222 7.36 19.96 -4.53
CA MET A 222 7.24 20.23 -5.98
C MET A 222 6.28 21.38 -6.28
N LYS A 223 5.37 21.68 -5.34
CA LYS A 223 4.50 22.85 -5.43
C LYS A 223 3.68 22.87 -6.73
N CYS A 224 2.94 21.78 -6.96
CA CYS A 224 2.32 21.50 -8.26
C CYS A 224 0.88 21.01 -8.12
N LYS A 225 -0.03 21.58 -8.91
CA LYS A 225 -1.44 21.18 -8.91
C LYS A 225 -1.67 19.81 -9.57
N ASN A 226 -0.76 19.40 -10.45
CA ASN A 226 -0.81 18.08 -11.10
C ASN A 226 -0.08 16.99 -10.30
N VAL A 227 0.29 17.29 -9.07
CA VAL A 227 0.95 16.35 -8.18
C VAL A 227 0.15 16.23 -6.87
N VAL A 228 0.07 14.99 -6.37
CA VAL A 228 -0.76 14.61 -5.22
C VAL A 228 -2.26 14.64 -5.57
N PRO A 229 -2.93 13.46 -5.50
CA PRO A 229 -4.36 13.44 -5.81
C PRO A 229 -5.18 14.19 -4.79
N SER A 230 -6.00 15.13 -5.25
CA SER A 230 -6.80 15.96 -4.35
C SER A 230 -7.95 15.16 -3.74
N TYR A 231 -8.55 15.74 -2.70
CA TYR A 231 -9.76 15.18 -2.10
C TYR A 231 -10.83 14.99 -3.17
N ASP A 232 -11.00 16.00 -4.03
CA ASP A 232 -12.02 16.00 -5.08
C ASP A 232 -11.78 14.90 -6.12
N LEU A 233 -10.54 14.73 -6.56
CA LEU A 233 -10.22 13.67 -7.51
C LEU A 233 -10.50 12.29 -6.91
N LEU A 234 -10.08 12.08 -5.66
CA LEU A 234 -10.33 10.81 -4.98
C LEU A 234 -11.83 10.59 -4.79
N LEU A 235 -12.53 11.64 -4.34
CA LEU A 235 -13.99 11.61 -4.20
C LEU A 235 -14.67 11.25 -5.53
N GLU A 236 -14.30 11.95 -6.60
CA GLU A 236 -14.82 11.68 -7.96
C GLU A 236 -14.63 10.22 -8.38
N MET A 237 -13.46 9.67 -8.11
CA MET A 237 -13.13 8.30 -8.49
C MET A 237 -13.87 7.27 -7.63
N LEU A 238 -14.00 7.56 -6.34
CA LEU A 238 -14.70 6.68 -5.41
C LEU A 238 -16.23 6.81 -5.49
N ASP A 239 -16.73 7.99 -5.85
CA ASP A 239 -18.17 8.26 -5.86
C ASP A 239 -18.77 7.76 -7.16
N ALA A 240 -18.78 6.44 -7.33
CA ALA A 240 -19.23 5.85 -8.57
C ALA A 240 -20.74 5.70 -8.61
N HIS A 241 -21.29 5.74 -9.81
CA HIS A 241 -22.69 5.44 -10.03
C HIS A 241 -22.83 3.93 -10.27
N ARG A 242 -24.08 3.46 -10.38
CA ARG A 242 -24.36 2.05 -10.65
C ARG A 242 -24.81 1.89 -12.10
C1 GQD B . 9.43 5.77 -5.27
C2 GQD B . 8.18 6.22 -4.52
C4 GQD B . 7.13 5.13 -4.43
C5 GQD B . 6.43 4.89 -5.75
C6 GQD B . 5.82 3.67 -5.95
C7 GQD B . 5.18 3.42 -7.14
C8 GQD B . 5.13 4.37 -8.14
C9 GQD B . 5.74 5.59 -7.94
C10 GQD B . 6.39 5.85 -6.74
C11 GQD B . 7.03 7.19 -6.55
N13 GQD B . 7.57 7.42 -5.18
C14 GQD B . 8.42 8.65 -5.10
C15 GQD B . 8.25 9.38 -3.80
C16 GQD B . 9.07 10.66 -3.86
C17 GQD B . 6.81 9.74 -3.52
C18 GQD B . 6.04 8.27 -6.86
C19 GQD B . 4.80 8.29 -6.23
C20 GQD B . 3.89 9.29 -6.51
C21 GQD B . 4.21 10.28 -7.42
C22 GQD B . 5.44 10.27 -8.05
C23 GQD B . 6.35 9.26 -7.77
C24 GQD B . 3.27 11.34 -7.74
C25 GQD B . 1.97 11.10 -7.76
C26 GQD B . 1.14 12.32 -8.12
O27 GQD B . 1.78 13.36 -8.44
O28 GQD B . -0.11 12.16 -8.05
O29 GQD B . 4.56 2.21 -7.33
#